data_4OOY
#
_entry.id   4OOY
#
_cell.length_a   44.757
_cell.length_b   71.269
_cell.length_c   106.129
_cell.angle_alpha   90.000
_cell.angle_beta   90.000
_cell.angle_gamma   90.000
#
_symmetry.space_group_name_H-M   'P 21 21 21'
#
loop_
_entity.id
_entity.type
_entity.pdbx_description
1 polymer Beta-lactamase
2 non-polymer (2S,5R)-1-formyl-5-[(sulfooxy)amino]piperidine-2-carboxamide
3 water water
#
_entity_poly.entity_id   1
_entity_poly.type   'polypeptide(L)'
_entity_poly.pdbx_seq_one_letter_code
;APADRLKALVDAAVQPVMKANDIPGLAVAISLKGEPHYFSYGLASKEDGRRVTPETLFEIGSVSKTFTATLAGYALTQDK
MRLDDRASQHWPALQGSRFDGISLLDLATYTAGGLPLQFPDSVQKDQAQIRDYYRQWQPTYAPGSQRLYSNPSIGLFGYL
AARSLGQPFERLMEQQVFPALGLEQTHLDVPEAALAQYAQGYGKDDRPLRVGPGPLDAEGYGVKTSAADLLRFVDANLHP
ERLDRPWAQALDATHRGYYKVGDMTQGLGWEAYDWPISLKRLQAGNSTPMALQPHRIARLPAPQALEGQRLLNKTGSTNG
FGAYVAFVPGRDLGLVILANRNYPNAERVKIAYAILSGL
;
_entity_poly.pdbx_strand_id   A
#
loop_
_chem_comp.id
_chem_comp.type
_chem_comp.name
_chem_comp.formula
NXL non-polymer (2S,5R)-1-formyl-5-[(sulfooxy)amino]piperidine-2-carboxamide 'C7 H13 N3 O6 S'
#
# COMPACT_ATOMS: atom_id res chain seq x y z
N ALA A 1 -8.96 -20.01 -28.13
CA ALA A 1 -9.90 -19.14 -27.36
C ALA A 1 -9.26 -18.16 -26.28
N PRO A 2 -9.78 -16.93 -26.23
CA PRO A 2 -9.17 -15.92 -25.44
C PRO A 2 -9.24 -16.29 -23.93
N ALA A 3 -10.36 -16.79 -23.42
CA ALA A 3 -10.40 -17.25 -22.01
C ALA A 3 -9.47 -18.39 -21.78
N ASP A 4 -9.21 -19.29 -22.69
CA ASP A 4 -8.29 -20.34 -22.49
C ASP A 4 -6.87 -19.78 -22.46
N ARG A 5 -6.56 -18.85 -23.32
CA ARG A 5 -5.22 -18.27 -23.32
C ARG A 5 -5.00 -17.50 -22.03
N LEU A 6 -5.91 -16.70 -21.60
CA LEU A 6 -5.69 -15.94 -20.39
C LEU A 6 -5.53 -16.88 -19.22
N LYS A 7 -6.32 -17.92 -19.05
CA LYS A 7 -6.14 -18.82 -17.99
C LYS A 7 -4.79 -19.50 -18.08
N ALA A 8 -4.34 -19.89 -19.27
CA ALA A 8 -3.07 -20.55 -19.40
C ALA A 8 -1.94 -19.58 -18.93
N LEU A 9 -2.03 -18.36 -19.34
CA LEU A 9 -1.02 -17.34 -19.00
C LEU A 9 -0.97 -17.14 -17.44
N VAL A 10 -2.08 -16.96 -16.82
CA VAL A 10 -2.10 -16.73 -15.39
C VAL A 10 -1.69 -17.96 -14.64
N ASP A 11 -2.24 -19.12 -14.98
CA ASP A 11 -1.81 -20.36 -14.36
C ASP A 11 -0.28 -20.57 -14.46
N ALA A 12 0.25 -20.34 -15.62
CA ALA A 12 1.70 -20.58 -15.84
C ALA A 12 2.51 -19.66 -14.98
N ALA A 13 2.06 -18.43 -14.75
CA ALA A 13 2.76 -17.49 -13.85
C ALA A 13 2.58 -17.87 -12.38
N VAL A 14 1.40 -18.22 -11.94
CA VAL A 14 1.06 -18.44 -10.57
C VAL A 14 1.42 -19.84 -10.04
N GLN A 15 1.08 -20.87 -10.74
CA GLN A 15 1.18 -22.17 -10.17
C GLN A 15 2.62 -22.58 -9.70
N PRO A 16 3.63 -22.30 -10.48
CA PRO A 16 4.96 -22.70 -9.96
C PRO A 16 5.36 -21.88 -8.78
N VAL A 17 5.02 -20.57 -8.76
CA VAL A 17 5.38 -19.74 -7.61
C VAL A 17 4.64 -20.21 -6.38
N MET A 18 3.35 -20.58 -6.46
CA MET A 18 2.71 -21.16 -5.33
C MET A 18 3.34 -22.38 -4.79
N LYS A 19 3.76 -23.31 -5.67
CA LYS A 19 4.41 -24.47 -5.19
C LYS A 19 5.70 -24.18 -4.56
N ALA A 20 6.49 -23.34 -5.22
CA ALA A 20 7.83 -23.05 -4.80
C ALA A 20 7.87 -22.38 -3.48
N ASN A 21 6.87 -21.53 -3.16
CA ASN A 21 6.80 -20.78 -1.89
C ASN A 21 5.78 -21.39 -0.92
N ASP A 22 5.25 -22.55 -1.23
CA ASP A 22 4.32 -23.24 -0.36
C ASP A 22 3.14 -22.38 0.08
N ILE A 23 2.57 -21.64 -0.93
CA ILE A 23 1.53 -20.72 -0.61
C ILE A 23 0.19 -21.48 -0.56
N PRO A 24 -0.55 -21.43 0.54
CA PRO A 24 -1.76 -22.18 0.60
C PRO A 24 -2.86 -21.74 -0.34
N GLY A 25 -3.04 -20.38 -0.40
CA GLY A 25 -4.05 -19.74 -1.16
C GLY A 25 -3.61 -18.41 -1.78
N LEU A 26 -4.16 -18.17 -2.97
CA LEU A 26 -3.74 -16.97 -3.73
C LEU A 26 -4.86 -16.61 -4.62
N ALA A 27 -5.16 -15.29 -4.62
CA ALA A 27 -6.19 -14.66 -5.53
C ALA A 27 -5.53 -13.65 -6.46
N VAL A 28 -5.82 -13.80 -7.72
CA VAL A 28 -5.44 -12.86 -8.75
C VAL A 28 -6.69 -12.17 -9.25
N ALA A 29 -6.60 -10.85 -9.45
CA ALA A 29 -7.62 -10.08 -10.17
C ALA A 29 -6.88 -9.19 -11.17
N ILE A 30 -7.38 -9.20 -12.39
CA ILE A 30 -6.82 -8.45 -13.50
C ILE A 30 -7.87 -7.54 -14.10
N SER A 31 -7.51 -6.32 -14.40
CA SER A 31 -8.33 -5.40 -15.18
C SER A 31 -7.65 -5.18 -16.50
N LEU A 32 -8.34 -5.59 -17.57
CA LEU A 32 -7.81 -5.59 -18.97
C LEU A 32 -8.84 -4.96 -19.87
N LYS A 33 -8.49 -3.85 -20.51
CA LYS A 33 -9.44 -3.29 -21.57
C LYS A 33 -10.79 -2.94 -20.90
N GLY A 34 -10.81 -2.58 -19.63
CA GLY A 34 -12.09 -2.29 -18.93
C GLY A 34 -12.88 -3.42 -18.40
N GLU A 35 -12.32 -4.62 -18.41
CA GLU A 35 -13.02 -5.79 -17.95
C GLU A 35 -12.25 -6.52 -16.85
N PRO A 36 -12.92 -6.98 -15.82
CA PRO A 36 -12.24 -7.70 -14.77
C PRO A 36 -12.19 -9.18 -15.00
N HIS A 37 -11.06 -9.81 -14.57
CA HIS A 37 -10.89 -11.25 -14.69
C HIS A 37 -10.30 -11.77 -13.42
N TYR A 38 -10.83 -12.84 -12.87
CA TYR A 38 -10.42 -13.37 -11.59
C TYR A 38 -9.93 -14.78 -11.69
N PHE A 39 -8.85 -15.11 -10.98
CA PHE A 39 -8.29 -16.45 -10.95
C PHE A 39 -7.98 -16.70 -9.51
N SER A 40 -8.56 -17.75 -8.92
CA SER A 40 -8.46 -18.09 -7.50
C SER A 40 -7.83 -19.45 -7.36
N TYR A 41 -6.90 -19.58 -6.43
CA TYR A 41 -6.13 -20.77 -6.25
C TYR A 41 -6.09 -21.18 -4.80
N GLY A 42 -6.26 -22.52 -4.54
CA GLY A 42 -5.96 -23.04 -3.22
C GLY A 42 -6.94 -22.63 -2.13
N LEU A 43 -6.41 -22.64 -0.92
CA LEU A 43 -7.13 -22.61 0.31
C LEU A 43 -6.91 -21.36 1.07
N ALA A 44 -8.01 -20.77 1.47
CA ALA A 44 -8.01 -19.68 2.43
C ALA A 44 -7.67 -20.16 3.87
N SER A 45 -8.18 -21.39 4.18
CA SER A 45 -7.83 -22.08 5.40
C SER A 45 -7.61 -23.52 5.17
N LYS A 46 -6.42 -23.98 5.44
CA LYS A 46 -6.09 -25.39 5.29
C LYS A 46 -6.92 -26.24 6.23
N GLU A 47 -7.11 -25.80 7.44
CA GLU A 47 -7.72 -26.67 8.50
C GLU A 47 -9.17 -26.94 8.16
N ASP A 48 -9.92 -25.98 7.64
CA ASP A 48 -11.32 -26.14 7.34
C ASP A 48 -11.65 -26.29 5.90
N GLY A 49 -10.66 -26.36 5.01
CA GLY A 49 -10.88 -26.58 3.59
C GLY A 49 -11.49 -25.42 2.82
N ARG A 50 -11.67 -24.29 3.43
CA ARG A 50 -12.21 -23.19 2.71
C ARG A 50 -11.36 -22.66 1.58
N ARG A 51 -11.95 -22.61 0.41
CA ARG A 51 -11.24 -22.20 -0.82
C ARG A 51 -11.18 -20.70 -0.94
N VAL A 52 -10.08 -20.26 -1.56
CA VAL A 52 -9.97 -18.82 -1.96
C VAL A 52 -10.98 -18.56 -3.07
N THR A 53 -11.62 -17.42 -3.01
CA THR A 53 -12.44 -16.85 -4.04
C THR A 53 -12.08 -15.37 -4.21
N PRO A 54 -12.68 -14.65 -5.20
CA PRO A 54 -12.42 -13.24 -5.33
C PRO A 54 -12.95 -12.37 -4.18
N GLU A 55 -13.75 -12.99 -3.33
CA GLU A 55 -14.31 -12.34 -2.14
C GLU A 55 -13.60 -12.68 -0.84
N THR A 56 -12.63 -13.60 -0.87
CA THR A 56 -11.86 -13.90 0.31
C THR A 56 -11.11 -12.63 0.76
N LEU A 57 -11.12 -12.38 2.04
CA LEU A 57 -10.35 -11.27 2.61
C LEU A 57 -8.94 -11.66 2.95
N PHE A 58 -7.98 -10.88 2.46
CA PHE A 58 -6.58 -11.01 2.79
C PHE A 58 -6.08 -9.78 3.49
N GLU A 59 -5.09 -9.95 4.35
CA GLU A 59 -4.31 -8.81 4.79
C GLU A 59 -3.40 -8.33 3.70
N ILE A 60 -3.42 -7.03 3.45
CA ILE A 60 -2.59 -6.45 2.37
C ILE A 60 -1.41 -5.74 2.93
N GLY A 61 -1.23 -5.63 4.24
CA GLY A 61 -0.08 -5.03 4.80
C GLY A 61 0.17 -3.64 4.27
N SER A 62 1.41 -3.33 3.90
CA SER A 62 1.80 -2.02 3.45
C SER A 62 1.13 -1.52 2.19
N VAL A 63 0.38 -2.34 1.45
CA VAL A 63 -0.43 -1.83 0.36
C VAL A 63 -1.44 -0.85 0.97
N SER A 64 -1.76 -0.98 2.24
CA SER A 64 -2.66 -0.05 2.94
C SER A 64 -2.21 1.39 2.77
N LYS A 65 -0.90 1.64 2.63
CA LYS A 65 -0.39 2.98 2.51
C LYS A 65 -0.99 3.70 1.32
N THR A 66 -1.43 3.02 0.28
CA THR A 66 -2.07 3.65 -0.87
C THR A 66 -3.45 4.18 -0.54
N PHE A 67 -4.15 3.54 0.38
CA PHE A 67 -5.39 4.04 0.92
C PHE A 67 -5.11 5.21 1.86
N THR A 68 -4.12 5.14 2.71
CA THR A 68 -3.72 6.25 3.57
C THR A 68 -3.41 7.44 2.72
N ALA A 69 -2.68 7.25 1.64
CA ALA A 69 -2.32 8.33 0.73
C ALA A 69 -3.57 8.96 0.14
N THR A 70 -4.57 8.18 -0.19
CA THR A 70 -5.82 8.65 -0.79
C THR A 70 -6.57 9.54 0.19
N LEU A 71 -6.61 9.15 1.47
CA LEU A 71 -7.18 10.00 2.51
CA LEU A 71 -7.17 10.01 2.49
C LEU A 71 -6.45 11.30 2.56
N ALA A 72 -5.14 11.25 2.58
CA ALA A 72 -4.38 12.47 2.60
C ALA A 72 -4.61 13.29 1.36
N GLY A 73 -4.77 12.69 0.22
CA GLY A 73 -5.12 13.44 -1.02
C GLY A 73 -6.48 14.09 -0.88
N TYR A 74 -7.39 13.54 -0.19
CA TYR A 74 -8.70 14.14 0.06
C TYR A 74 -8.49 15.32 0.95
N ALA A 75 -7.72 15.25 2.02
CA ALA A 75 -7.44 16.39 2.93
C ALA A 75 -6.80 17.46 2.16
N LEU A 76 -5.88 17.16 1.25
CA LEU A 76 -5.28 18.19 0.47
C LEU A 76 -6.29 18.87 -0.45
N THR A 77 -7.20 18.15 -1.10
CA THR A 77 -8.14 18.76 -2.05
C THR A 77 -9.04 19.63 -1.31
N GLN A 78 -9.36 19.38 -0.07
CA GLN A 78 -10.19 20.15 0.76
C GLN A 78 -9.42 21.36 1.35
N ASP A 79 -8.09 21.53 1.09
CA ASP A 79 -7.32 22.63 1.74
C ASP A 79 -7.29 22.56 3.23
N LYS A 80 -7.32 21.36 3.83
CA LYS A 80 -7.18 21.19 5.24
C LYS A 80 -5.70 21.06 5.67
N MET A 81 -4.86 20.70 4.71
CA MET A 81 -3.43 20.62 4.90
C MET A 81 -2.76 20.87 3.57
N ARG A 82 -1.47 21.10 3.64
CA ARG A 82 -0.60 21.17 2.51
C ARG A 82 0.62 20.31 2.73
N LEU A 83 1.18 19.77 1.69
CA LEU A 83 2.36 18.86 1.81
C LEU A 83 3.50 19.56 2.39
N ASP A 84 3.61 20.89 2.20
CA ASP A 84 4.66 21.65 2.80
CA ASP A 84 4.68 21.65 2.80
C ASP A 84 4.40 22.10 4.24
N ASP A 85 3.28 21.76 4.81
CA ASP A 85 3.04 22.08 6.24
C ASP A 85 4.09 21.40 7.11
N ARG A 86 4.52 21.99 8.21
CA ARG A 86 5.24 21.35 9.27
C ARG A 86 4.35 20.43 10.00
N ALA A 87 4.86 19.22 10.27
CA ALA A 87 4.04 18.20 10.89
C ALA A 87 3.35 18.69 12.16
N SER A 88 4.09 19.46 12.97
CA SER A 88 3.49 19.89 14.21
C SER A 88 2.35 20.92 14.08
N GLN A 89 2.15 21.47 12.91
CA GLN A 89 0.95 22.26 12.71
C GLN A 89 -0.28 21.56 13.10
N HIS A 90 -0.35 20.24 12.88
CA HIS A 90 -1.56 19.45 12.98
C HIS A 90 -1.73 18.64 14.26
N TRP A 91 -0.79 18.85 15.20
CA TRP A 91 -0.83 18.14 16.46
C TRP A 91 -0.09 18.89 17.52
N PRO A 92 -0.80 19.62 18.43
CA PRO A 92 -0.10 20.50 19.35
C PRO A 92 0.91 19.81 20.24
N ALA A 93 0.72 18.53 20.56
CA ALA A 93 1.66 17.77 21.35
C ALA A 93 3.00 17.76 20.73
N LEU A 94 3.11 17.90 19.43
CA LEU A 94 4.38 17.90 18.73
C LEU A 94 5.09 19.25 18.65
N GLN A 95 4.36 20.31 19.07
CA GLN A 95 4.96 21.67 19.00
C GLN A 95 6.14 21.75 19.98
N GLY A 96 7.24 22.27 19.45
CA GLY A 96 8.46 22.34 20.09
C GLY A 96 9.33 21.12 19.90
N SER A 97 8.85 20.05 19.26
CA SER A 97 9.68 18.86 19.03
C SER A 97 10.37 19.07 17.69
N ARG A 98 11.18 18.09 17.23
CA ARG A 98 11.80 18.15 15.94
C ARG A 98 10.80 18.12 14.81
N PHE A 99 9.55 17.75 15.03
CA PHE A 99 8.51 17.83 14.00
C PHE A 99 8.08 19.25 13.64
N ASP A 100 8.63 20.25 14.37
CA ASP A 100 8.50 21.62 13.90
C ASP A 100 9.30 21.85 12.63
N GLY A 101 10.26 21.01 12.30
CA GLY A 101 11.11 21.18 11.14
C GLY A 101 11.05 20.09 10.09
N ILE A 102 9.95 19.34 10.11
CA ILE A 102 9.72 18.17 9.23
C ILE A 102 8.40 18.42 8.55
N SER A 103 8.36 18.29 7.23
CA SER A 103 7.13 18.49 6.48
C SER A 103 6.28 17.28 6.39
N LEU A 104 5.00 17.46 6.07
CA LEU A 104 4.14 16.32 5.78
C LEU A 104 4.65 15.51 4.58
N LEU A 105 5.20 16.18 3.60
CA LEU A 105 5.75 15.43 2.44
C LEU A 105 6.88 14.55 2.91
N ASP A 106 7.78 15.04 3.75
CA ASP A 106 8.88 14.23 4.28
C ASP A 106 8.32 12.98 4.98
N LEU A 107 7.26 13.12 5.78
CA LEU A 107 6.73 11.99 6.42
C LEU A 107 6.13 10.99 5.43
N ALA A 108 5.39 11.51 4.45
CA ALA A 108 4.70 10.65 3.51
C ALA A 108 5.70 9.87 2.65
N THR A 109 6.86 10.42 2.36
CA THR A 109 7.78 9.82 1.42
C THR A 109 9.07 9.36 2.14
N TYR A 110 8.99 9.17 3.43
CA TYR A 110 10.06 8.47 4.19
C TYR A 110 11.34 9.23 4.29
N THR A 111 11.30 10.51 4.16
CA THR A 111 12.52 11.36 4.22
C THR A 111 12.56 12.29 5.42
N ALA A 112 11.94 11.99 6.50
CA ALA A 112 11.98 12.84 7.68
C ALA A 112 13.29 12.83 8.40
N GLY A 113 14.18 11.91 8.12
CA GLY A 113 15.54 11.88 8.71
C GLY A 113 15.78 10.65 9.52
N GLY A 114 15.30 9.50 9.14
CA GLY A 114 15.62 8.27 9.75
C GLY A 114 14.67 7.72 10.74
N LEU A 115 13.37 8.07 10.64
CA LEU A 115 12.37 7.34 11.36
C LEU A 115 12.53 5.85 10.98
N PRO A 116 12.41 4.93 11.91
CA PRO A 116 12.78 3.54 11.64
C PRO A 116 11.68 2.78 10.91
N LEU A 117 12.02 1.60 10.46
CA LEU A 117 11.06 0.76 9.74
C LEU A 117 9.79 0.54 10.47
N GLN A 118 9.93 0.19 11.74
CA GLN A 118 8.82 -0.05 12.68
C GLN A 118 8.98 0.84 13.90
N PHE A 119 7.88 1.12 14.56
CA PHE A 119 8.02 1.60 15.93
C PHE A 119 8.80 0.59 16.71
N PRO A 120 9.62 1.05 17.68
CA PRO A 120 10.31 0.09 18.56
C PRO A 120 9.32 -0.71 19.35
N ASP A 121 9.77 -1.88 19.80
CA ASP A 121 8.86 -2.73 20.57
C ASP A 121 8.38 -2.07 21.89
N SER A 122 9.06 -1.08 22.42
CA SER A 122 8.69 -0.31 23.57
C SER A 122 7.47 0.53 23.36
N VAL A 123 7.04 0.74 22.09
CA VAL A 123 5.82 1.55 21.86
C VAL A 123 4.68 0.65 21.50
N GLN A 124 3.71 0.57 22.38
CA GLN A 124 2.54 -0.17 22.18
C GLN A 124 1.44 0.66 21.51
N LYS A 125 0.32 0.03 21.13
CA LYS A 125 -0.78 0.71 20.54
C LYS A 125 -1.49 1.51 21.59
N ASP A 126 -1.07 2.71 21.78
CA ASP A 126 -1.53 3.52 22.93
C ASP A 126 -1.23 4.92 22.54
N GLN A 127 -2.20 5.79 22.61
CA GLN A 127 -2.06 7.14 22.15
C GLN A 127 -0.92 7.87 22.87
N ALA A 128 -0.87 7.77 24.21
CA ALA A 128 0.17 8.45 24.94
C ALA A 128 1.61 7.98 24.57
N GLN A 129 1.77 6.67 24.41
CA GLN A 129 3.06 6.10 24.06
C GLN A 129 3.51 6.58 22.67
N ILE A 130 2.55 6.68 21.75
CA ILE A 130 2.85 7.14 20.38
C ILE A 130 3.27 8.60 20.39
N ARG A 131 2.46 9.41 21.14
CA ARG A 131 2.72 10.80 21.33
C ARG A 131 4.14 11.00 21.87
N ASP A 132 4.45 10.27 22.95
CA ASP A 132 5.72 10.50 23.60
C ASP A 132 6.89 10.04 22.73
N TYR A 133 6.68 8.98 21.93
CA TYR A 133 7.72 8.59 20.97
C TYR A 133 8.07 9.65 20.01
N TYR A 134 7.05 10.28 19.39
CA TYR A 134 7.36 11.32 18.46
C TYR A 134 7.95 12.60 19.08
N ARG A 135 7.42 12.95 20.28
CA ARG A 135 7.96 14.14 21.01
C ARG A 135 9.48 14.05 21.23
N GLN A 136 9.96 12.84 21.51
CA GLN A 136 11.36 12.63 21.87
C GLN A 136 12.23 12.32 20.71
N TRP A 137 11.71 12.02 19.54
CA TRP A 137 12.53 11.54 18.42
C TRP A 137 13.37 12.61 17.79
N GLN A 138 14.61 12.27 17.45
CA GLN A 138 15.52 13.19 16.81
C GLN A 138 16.06 12.58 15.53
N PRO A 139 16.14 13.33 14.47
CA PRO A 139 16.65 12.84 13.20
C PRO A 139 18.10 12.42 13.24
N THR A 140 18.40 11.40 12.52
CA THR A 140 19.79 10.95 12.31
C THR A 140 20.45 11.78 11.24
N TYR A 141 19.68 12.33 10.31
CA TYR A 141 20.21 13.12 9.22
C TYR A 141 19.13 14.12 8.81
N ALA A 142 19.52 15.09 7.98
CA ALA A 142 18.68 16.18 7.66
C ALA A 142 17.40 15.67 7.01
N PRO A 143 16.29 16.25 7.40
CA PRO A 143 15.01 15.96 6.71
C PRO A 143 15.13 16.30 5.26
N GLY A 144 14.55 15.53 4.36
CA GLY A 144 14.52 15.75 2.97
C GLY A 144 15.65 15.15 2.20
N SER A 145 16.61 14.50 2.84
CA SER A 145 17.82 14.00 2.22
C SER A 145 17.90 12.53 1.85
N GLN A 146 17.39 11.68 2.71
CA GLN A 146 17.53 10.27 2.62
C GLN A 146 16.20 9.56 2.85
N ARG A 147 15.91 8.63 1.99
CA ARG A 147 14.74 7.78 2.12
C ARG A 147 15.04 6.60 3.00
N LEU A 148 14.30 6.36 4.08
CA LEU A 148 14.39 5.17 4.85
C LEU A 148 12.96 4.69 5.06
N TYR A 149 12.54 3.61 4.40
CA TYR A 149 11.17 3.19 4.43
C TYR A 149 10.72 3.04 5.89
N SER A 150 9.54 3.53 6.21
CA SER A 150 9.17 3.66 7.62
C SER A 150 7.67 3.69 7.84
N ASN A 151 7.18 2.75 8.65
CA ASN A 151 5.80 2.73 9.11
C ASN A 151 5.48 3.90 10.04
N PRO A 152 6.34 4.25 11.03
CA PRO A 152 6.04 5.45 11.82
C PRO A 152 6.01 6.69 11.01
N SER A 153 6.77 6.78 9.90
CA SER A 153 6.78 7.97 9.12
C SER A 153 5.43 8.16 8.40
N ILE A 154 5.06 7.27 7.51
CA ILE A 154 3.78 7.43 6.81
C ILE A 154 2.63 7.26 7.80
N GLY A 155 2.80 6.54 8.87
CA GLY A 155 1.80 6.40 9.93
C GLY A 155 1.47 7.80 10.46
N LEU A 156 2.50 8.58 10.80
CA LEU A 156 2.25 9.90 11.30
C LEU A 156 1.63 10.76 10.23
N PHE A 157 2.03 10.65 8.97
CA PHE A 157 1.41 11.35 7.90
C PHE A 157 -0.14 11.14 7.86
N GLY A 158 -0.52 9.88 7.92
CA GLY A 158 -1.93 9.56 7.87
C GLY A 158 -2.64 10.05 9.13
N TYR A 159 -2.02 9.90 10.25
CA TYR A 159 -2.63 10.39 11.53
C TYR A 159 -2.85 11.87 11.50
N LEU A 160 -1.91 12.62 10.99
CA LEU A 160 -2.01 14.06 10.86
C LEU A 160 -2.99 14.46 9.82
N ALA A 161 -3.10 13.76 8.69
CA ALA A 161 -4.11 14.02 7.75
C ALA A 161 -5.48 13.84 8.34
N ALA A 162 -5.69 12.88 9.13
CA ALA A 162 -6.99 12.65 9.80
C ALA A 162 -7.21 13.80 10.80
N ARG A 163 -6.22 14.19 11.55
CA ARG A 163 -6.38 15.35 12.44
C ARG A 163 -6.76 16.53 11.70
N SER A 164 -6.23 16.77 10.51
CA SER A 164 -6.55 17.93 9.71
C SER A 164 -8.02 17.94 9.29
N LEU A 165 -8.62 16.79 9.18
CA LEU A 165 -10.02 16.65 8.84
C LEU A 165 -10.85 16.60 10.12
N GLY A 166 -10.31 16.57 11.30
CA GLY A 166 -11.10 16.72 12.50
C GLY A 166 -11.71 15.43 12.97
N GLN A 167 -11.28 14.24 12.43
CA GLN A 167 -11.90 12.99 12.84
C GLN A 167 -10.86 11.88 12.93
N PRO A 168 -11.07 10.81 13.65
CA PRO A 168 -10.09 9.71 13.72
C PRO A 168 -9.88 9.11 12.30
N PHE A 169 -8.67 8.64 12.12
CA PHE A 169 -8.29 8.04 10.84
C PHE A 169 -9.23 6.90 10.46
N GLU A 170 -9.43 5.93 11.35
CA GLU A 170 -10.17 4.76 11.00
C GLU A 170 -11.63 5.09 10.70
N ARG A 171 -12.19 6.07 11.39
CA ARG A 171 -13.55 6.52 11.11
CA ARG A 171 -13.56 6.52 11.11
C ARG A 171 -13.66 7.15 9.73
N LEU A 172 -12.72 8.00 9.37
CA LEU A 172 -12.71 8.62 8.07
C LEU A 172 -12.64 7.58 6.96
N MET A 173 -11.79 6.53 7.17
CA MET A 173 -11.69 5.45 6.16
CA MET A 173 -11.66 5.47 6.18
C MET A 173 -12.98 4.74 6.00
N GLU A 174 -13.62 4.32 7.12
CA GLU A 174 -14.85 3.59 7.04
C GLU A 174 -16.03 4.38 6.59
N GLN A 175 -16.16 5.58 7.02
CA GLN A 175 -17.38 6.38 6.82
C GLN A 175 -17.28 7.12 5.52
N GLN A 176 -16.08 7.53 5.09
CA GLN A 176 -15.97 8.37 3.93
C GLN A 176 -15.15 7.73 2.78
N VAL A 177 -13.95 7.27 3.03
CA VAL A 177 -13.10 6.84 1.92
C VAL A 177 -13.59 5.60 1.27
N PHE A 178 -13.78 4.52 2.01
CA PHE A 178 -14.20 3.31 1.39
C PHE A 178 -15.56 3.45 0.68
N PRO A 179 -16.53 4.13 1.27
CA PRO A 179 -17.74 4.30 0.52
C PRO A 179 -17.58 5.15 -0.78
N ALA A 180 -16.75 6.15 -0.74
CA ALA A 180 -16.52 7.00 -1.93
C ALA A 180 -15.89 6.20 -3.03
N LEU A 181 -15.11 5.17 -2.68
CA LEU A 181 -14.41 4.36 -3.65
C LEU A 181 -15.27 3.17 -4.04
N GLY A 182 -16.45 2.97 -3.49
CA GLY A 182 -17.29 1.84 -3.82
C GLY A 182 -16.89 0.51 -3.23
N LEU A 183 -16.24 0.56 -2.08
CA LEU A 183 -15.59 -0.61 -1.50
C LEU A 183 -16.37 -1.08 -0.26
N GLU A 184 -17.09 -2.16 -0.37
CA GLU A 184 -17.86 -2.78 0.70
C GLU A 184 -17.27 -4.01 1.25
N GLN A 185 -16.16 -4.47 0.73
CA GLN A 185 -15.42 -5.63 1.19
C GLN A 185 -14.00 -5.27 1.58
N THR A 186 -13.87 -4.07 2.12
CA THR A 186 -12.57 -3.50 2.49
C THR A 186 -12.68 -2.97 3.92
N HIS A 187 -11.82 -3.41 4.82
CA HIS A 187 -11.97 -3.18 6.26
C HIS A 187 -10.67 -2.86 6.92
N LEU A 188 -10.72 -2.06 7.94
CA LEU A 188 -9.71 -1.95 8.94
C LEU A 188 -9.96 -2.86 10.09
N ASP A 189 -11.22 -3.07 10.46
CA ASP A 189 -11.69 -3.90 11.56
C ASP A 189 -12.77 -4.81 11.03
N VAL A 190 -12.45 -6.06 10.69
CA VAL A 190 -13.36 -6.88 9.93
C VAL A 190 -14.63 -7.12 10.76
N PRO A 191 -15.80 -6.87 10.25
CA PRO A 191 -17.02 -7.16 10.99
C PRO A 191 -17.10 -8.64 11.30
N GLU A 192 -17.70 -8.97 12.41
CA GLU A 192 -18.00 -10.35 12.77
C GLU A 192 -18.78 -11.03 11.65
N ALA A 193 -19.70 -10.43 10.97
CA ALA A 193 -20.44 -11.05 9.89
C ALA A 193 -19.61 -11.37 8.70
N ALA A 194 -18.44 -10.78 8.59
CA ALA A 194 -17.55 -10.98 7.41
C ALA A 194 -16.40 -11.94 7.74
N LEU A 195 -16.29 -12.38 8.97
CA LEU A 195 -15.16 -13.19 9.42
C LEU A 195 -15.03 -14.45 8.71
N ALA A 196 -16.09 -15.02 8.20
CA ALA A 196 -15.99 -16.26 7.51
C ALA A 196 -15.20 -16.06 6.21
N GLN A 197 -15.12 -14.86 5.65
CA GLN A 197 -14.32 -14.61 4.47
C GLN A 197 -12.85 -14.38 4.82
N TYR A 198 -12.45 -14.16 6.04
CA TYR A 198 -11.10 -13.78 6.39
C TYR A 198 -10.20 -14.98 6.28
N ALA A 199 -9.29 -15.01 5.34
CA ALA A 199 -8.35 -16.12 5.21
C ALA A 199 -7.50 -16.22 6.45
N GLN A 200 -7.01 -17.44 6.66
CA GLN A 200 -5.94 -17.66 7.62
C GLN A 200 -4.62 -17.28 6.99
N GLY A 201 -3.71 -16.72 7.76
CA GLY A 201 -2.35 -16.50 7.36
C GLY A 201 -1.43 -17.62 7.85
N TYR A 202 -0.37 -17.90 7.17
CA TYR A 202 0.50 -19.01 7.51
C TYR A 202 1.91 -18.58 7.56
N GLY A 203 2.61 -18.91 8.65
CA GLY A 203 4.07 -18.72 8.76
C GLY A 203 4.84 -20.03 8.84
N LYS A 204 5.91 -19.95 9.65
CA LYS A 204 6.82 -21.11 9.90
C LYS A 204 6.07 -22.26 10.58
N ASP A 205 6.26 -23.47 10.06
CA ASP A 205 5.59 -24.63 10.55
C ASP A 205 4.10 -24.51 10.40
N ASP A 206 3.67 -23.74 9.37
CA ASP A 206 2.29 -23.29 9.26
C ASP A 206 1.56 -22.79 10.52
N ARG A 207 2.30 -22.04 11.30
CA ARG A 207 1.69 -21.37 12.42
C ARG A 207 0.62 -20.39 11.87
N PRO A 208 -0.54 -20.25 12.48
CA PRO A 208 -1.56 -19.36 11.94
C PRO A 208 -1.27 -18.02 12.41
N LEU A 209 -1.41 -17.02 11.54
CA LEU A 209 -1.05 -15.67 11.78
C LEU A 209 -1.98 -14.71 11.17
N ARG A 210 -2.73 -14.03 12.02
CA ARG A 210 -3.57 -12.85 11.64
C ARG A 210 -3.01 -11.69 12.39
N VAL A 211 -2.94 -10.51 11.80
CA VAL A 211 -2.22 -9.36 12.32
C VAL A 211 -2.86 -8.91 13.60
N GLY A 212 -1.99 -8.60 14.55
CA GLY A 212 -2.46 -8.10 15.86
C GLY A 212 -2.27 -6.62 15.92
N PRO A 213 -2.77 -6.02 17.03
CA PRO A 213 -2.72 -4.58 17.10
C PRO A 213 -1.30 -3.99 17.25
N GLY A 214 -1.10 -2.82 16.70
CA GLY A 214 0.14 -2.12 16.83
C GLY A 214 -0.08 -0.66 16.62
N PRO A 215 0.91 0.13 17.08
CA PRO A 215 0.80 1.56 16.95
C PRO A 215 0.72 2.04 15.46
N LEU A 216 -0.27 2.87 15.22
CA LEU A 216 -0.57 3.37 13.87
C LEU A 216 -0.63 2.22 12.85
N ASP A 217 -1.21 1.11 13.26
CA ASP A 217 -1.38 -0.02 12.36
C ASP A 217 -2.37 0.29 11.23
N ALA A 218 -3.42 1.01 11.48
CA ALA A 218 -4.39 1.29 10.46
C ALA A 218 -3.76 2.04 9.31
N GLU A 219 -2.96 3.05 9.64
CA GLU A 219 -2.37 3.91 8.66
C GLU A 219 -1.27 3.21 7.88
N GLY A 220 -0.51 2.31 8.45
CA GLY A 220 0.62 1.64 7.81
C GLY A 220 0.34 0.37 7.14
N TYR A 221 -0.53 -0.43 7.72
CA TYR A 221 -0.59 -1.80 7.28
C TYR A 221 -1.87 -2.51 7.63
N GLY A 222 -2.94 -1.84 7.92
CA GLY A 222 -4.08 -2.54 8.55
C GLY A 222 -5.23 -2.89 7.67
N VAL A 223 -5.27 -2.74 6.39
CA VAL A 223 -6.42 -3.09 5.58
C VAL A 223 -6.45 -4.58 5.31
N LYS A 224 -7.68 -5.07 5.38
CA LYS A 224 -8.08 -6.43 4.87
C LYS A 224 -9.04 -6.19 3.76
N THR A 225 -8.86 -6.83 2.62
CA THR A 225 -9.73 -6.66 1.48
C THR A 225 -9.69 -7.88 0.63
N SER A 226 -10.63 -7.96 -0.30
CA SER A 226 -10.69 -9.02 -1.25
C SER A 226 -10.01 -8.67 -2.56
N ALA A 227 -9.69 -9.64 -3.38
CA ALA A 227 -9.11 -9.35 -4.68
C ALA A 227 -10.05 -8.52 -5.50
N ALA A 228 -11.32 -8.80 -5.47
CA ALA A 228 -12.27 -8.00 -6.25
C ALA A 228 -12.35 -6.57 -5.76
N ASP A 229 -12.37 -6.32 -4.45
CA ASP A 229 -12.41 -4.90 -4.02
C ASP A 229 -11.09 -4.26 -4.32
N LEU A 230 -9.96 -4.90 -4.13
CA LEU A 230 -8.70 -4.24 -4.40
C LEU A 230 -8.61 -3.95 -5.90
N LEU A 231 -9.14 -4.77 -6.76
CA LEU A 231 -9.15 -4.42 -8.18
C LEU A 231 -10.10 -3.23 -8.44
N ARG A 232 -11.19 -3.11 -7.71
CA ARG A 232 -11.99 -1.93 -7.82
C ARG A 232 -11.22 -0.69 -7.50
N PHE A 233 -10.33 -0.72 -6.50
CA PHE A 233 -9.49 0.33 -6.15
C PHE A 233 -8.46 0.62 -7.24
N VAL A 234 -7.87 -0.41 -7.83
CA VAL A 234 -7.01 -0.19 -8.93
C VAL A 234 -7.75 0.46 -10.11
N ASP A 235 -8.96 0.05 -10.39
CA ASP A 235 -9.75 0.70 -11.49
C ASP A 235 -10.07 2.11 -11.17
N ALA A 236 -10.28 2.47 -9.94
CA ALA A 236 -10.43 3.89 -9.57
C ALA A 236 -9.16 4.62 -9.83
N ASN A 237 -7.99 4.02 -9.53
CA ASN A 237 -6.73 4.63 -9.85
C ASN A 237 -6.47 4.75 -11.34
N LEU A 238 -6.93 3.84 -12.13
CA LEU A 238 -6.76 3.87 -13.57
C LEU A 238 -7.70 4.94 -14.19
N HIS A 239 -8.81 5.22 -13.56
CA HIS A 239 -9.79 6.20 -14.05
C HIS A 239 -10.37 7.12 -12.98
N PRO A 240 -9.59 7.92 -12.40
CA PRO A 240 -10.09 8.78 -11.31
C PRO A 240 -11.22 9.65 -11.77
N GLU A 241 -11.20 10.04 -13.06
CA GLU A 241 -12.28 10.93 -13.62
C GLU A 241 -13.57 10.36 -13.50
N ARG A 242 -13.80 9.10 -13.28
CA ARG A 242 -15.10 8.48 -13.15
C ARG A 242 -15.71 8.71 -11.78
N LEU A 243 -14.95 9.22 -10.83
CA LEU A 243 -15.43 9.47 -9.45
C LEU A 243 -15.90 10.92 -9.42
N ASP A 244 -16.65 11.20 -8.39
CA ASP A 244 -17.02 12.58 -8.04
C ASP A 244 -15.74 13.35 -7.83
N ARG A 245 -15.66 14.63 -8.19
CA ARG A 245 -14.45 15.37 -8.39
C ARG A 245 -13.55 15.39 -7.18
N PRO A 246 -14.05 15.59 -5.94
CA PRO A 246 -13.11 15.62 -4.83
C PRO A 246 -12.32 14.29 -4.72
N TRP A 247 -12.97 13.20 -4.99
CA TRP A 247 -12.31 11.91 -4.86
C TRP A 247 -11.43 11.65 -6.09
N ALA A 248 -11.78 12.12 -7.29
CA ALA A 248 -10.84 12.11 -8.41
C ALA A 248 -9.62 12.82 -8.07
N GLN A 249 -9.67 14.01 -7.52
CA GLN A 249 -8.53 14.71 -7.12
C GLN A 249 -7.76 14.04 -6.04
N ALA A 250 -8.39 13.41 -5.09
CA ALA A 250 -7.67 12.68 -4.02
C ALA A 250 -6.84 11.56 -4.65
N LEU A 251 -7.37 10.84 -5.58
CA LEU A 251 -6.60 9.81 -6.30
C LEU A 251 -5.53 10.38 -7.11
N ASP A 252 -5.74 11.47 -7.81
CA ASP A 252 -4.67 12.08 -8.58
C ASP A 252 -3.52 12.47 -7.76
N ALA A 253 -3.73 12.90 -6.53
CA ALA A 253 -2.66 13.31 -5.63
C ALA A 253 -1.71 12.17 -5.32
N THR A 254 -2.14 10.95 -5.49
CA THR A 254 -1.31 9.73 -5.29
C THR A 254 -0.53 9.35 -6.53
N HIS A 255 -0.62 10.12 -7.60
CA HIS A 255 0.01 9.86 -8.88
C HIS A 255 0.99 10.99 -9.20
N ARG A 256 1.69 11.43 -8.23
CA ARG A 256 2.68 12.52 -8.33
C ARG A 256 3.97 12.09 -7.72
N GLY A 257 5.05 12.11 -8.48
CA GLY A 257 6.36 11.67 -8.01
C GLY A 257 7.21 12.82 -7.50
N TYR A 258 7.93 12.61 -6.46
CA TYR A 258 8.68 13.69 -5.83
C TYR A 258 10.20 13.50 -5.93
N TYR A 259 10.70 12.31 -5.99
CA TYR A 259 12.14 12.05 -6.12
C TYR A 259 12.32 10.69 -6.68
N LYS A 260 13.54 10.33 -7.07
CA LYS A 260 13.91 9.06 -7.60
CA LYS A 260 13.89 9.00 -7.50
C LYS A 260 14.95 8.39 -6.68
N VAL A 261 14.89 7.10 -6.52
CA VAL A 261 15.97 6.27 -5.95
C VAL A 261 16.15 5.11 -6.95
N GLY A 262 17.29 5.03 -7.58
CA GLY A 262 17.45 4.05 -8.61
C GLY A 262 16.43 4.21 -9.72
N ASP A 263 15.79 3.14 -10.07
CA ASP A 263 14.74 3.13 -11.09
C ASP A 263 13.38 3.59 -10.56
N MET A 264 13.23 3.80 -9.29
CA MET A 264 11.89 4.05 -8.68
C MET A 264 11.68 5.51 -8.48
N THR A 265 10.50 5.98 -8.81
CA THR A 265 10.01 7.32 -8.46
C THR A 265 8.97 7.21 -7.38
N GLN A 266 9.19 7.93 -6.30
CA GLN A 266 8.35 7.84 -5.08
C GLN A 266 7.21 8.82 -5.17
N GLY A 267 5.96 8.29 -5.06
CA GLY A 267 4.76 9.08 -4.89
C GLY A 267 4.24 8.95 -3.47
N LEU A 268 3.01 9.40 -3.28
CA LEU A 268 2.31 9.19 -2.00
C LEU A 268 1.71 7.78 -2.06
N GLY A 269 2.32 6.86 -1.31
CA GLY A 269 1.96 5.47 -1.34
C GLY A 269 2.55 4.71 -2.52
N TRP A 270 2.12 5.04 -3.70
CA TRP A 270 2.58 4.36 -4.92
C TRP A 270 4.04 4.67 -5.23
N GLU A 271 4.70 3.66 -5.81
CA GLU A 271 6.08 3.72 -6.31
C GLU A 271 6.02 3.41 -7.75
N ALA A 272 6.76 4.14 -8.59
CA ALA A 272 6.60 4.03 -10.04
C ALA A 272 7.93 3.70 -10.72
N TYR A 273 7.79 3.04 -11.85
CA TYR A 273 8.90 2.66 -12.77
C TYR A 273 8.55 2.99 -14.18
N ASP A 274 9.53 3.30 -15.02
CA ASP A 274 9.34 3.28 -16.46
C ASP A 274 8.85 1.95 -16.89
N TRP A 275 8.07 1.89 -17.96
CA TRP A 275 7.51 0.66 -18.45
C TRP A 275 7.57 0.69 -19.98
N PRO A 276 8.28 -0.22 -20.62
CA PRO A 276 8.87 -1.45 -20.07
C PRO A 276 10.13 -1.19 -19.28
N ILE A 277 10.43 -2.19 -18.43
CA ILE A 277 11.70 -2.25 -17.73
C ILE A 277 11.93 -3.76 -17.45
N SER A 278 13.17 -4.15 -17.23
CA SER A 278 13.42 -5.57 -16.99
C SER A 278 12.82 -6.07 -15.69
N LEU A 279 12.57 -7.32 -15.62
CA LEU A 279 12.12 -7.99 -14.39
C LEU A 279 13.12 -7.79 -13.32
N LYS A 280 14.43 -7.98 -13.58
CA LYS A 280 15.43 -7.81 -12.57
C LYS A 280 15.38 -6.44 -11.96
N ARG A 281 15.22 -5.39 -12.74
CA ARG A 281 15.16 -4.07 -12.24
C ARG A 281 13.91 -3.83 -11.37
N LEU A 282 12.80 -4.37 -11.78
CA LEU A 282 11.54 -4.19 -11.00
C LEU A 282 11.70 -5.00 -9.68
N GLN A 283 12.33 -6.15 -9.70
CA GLN A 283 12.64 -6.85 -8.48
C GLN A 283 13.59 -6.07 -7.61
N ALA A 284 14.61 -5.42 -8.14
CA ALA A 284 15.54 -4.69 -7.34
C ALA A 284 14.89 -3.50 -6.72
N GLY A 285 13.96 -2.84 -7.37
CA GLY A 285 13.30 -1.69 -6.76
C GLY A 285 12.45 -2.16 -5.59
N ASN A 286 12.04 -3.38 -5.57
CA ASN A 286 11.17 -3.96 -4.55
C ASN A 286 11.97 -4.93 -3.64
N SER A 287 13.26 -4.73 -3.55
CA SER A 287 14.17 -5.62 -2.83
C SER A 287 14.34 -5.25 -1.37
N THR A 288 14.96 -6.18 -0.62
CA THR A 288 15.17 -5.99 0.82
C THR A 288 16.02 -4.78 1.05
N PRO A 289 17.09 -4.47 0.34
CA PRO A 289 17.81 -3.26 0.66
C PRO A 289 16.98 -1.99 0.53
N MET A 290 15.98 -2.02 -0.38
CA MET A 290 15.06 -0.86 -0.45
C MET A 290 14.21 -0.77 0.70
N ALA A 291 13.80 -1.79 1.39
CA ALA A 291 12.97 -1.71 2.55
C ALA A 291 13.82 -1.35 3.71
N LEU A 292 15.13 -1.74 3.76
CA LEU A 292 15.83 -1.72 4.99
C LEU A 292 16.95 -0.73 5.13
N GLN A 293 17.46 -0.14 4.09
CA GLN A 293 18.64 0.74 4.12
C GLN A 293 18.28 2.14 3.69
N PRO A 294 18.99 3.15 4.15
CA PRO A 294 18.75 4.50 3.70
C PRO A 294 19.27 4.68 2.31
N HIS A 295 18.68 5.52 1.53
CA HIS A 295 19.14 5.87 0.22
C HIS A 295 19.05 7.29 0.00
N ARG A 296 20.11 7.95 -0.52
CA ARG A 296 20.06 9.32 -0.86
C ARG A 296 19.10 9.54 -2.07
N ILE A 297 18.27 10.56 -2.00
CA ILE A 297 17.22 10.76 -3.02
C ILE A 297 17.76 11.63 -4.13
N ALA A 298 17.19 11.52 -5.33
CA ALA A 298 17.42 12.52 -6.39
C ALA A 298 16.13 13.31 -6.52
N ARG A 299 15.99 14.49 -5.95
CA ARG A 299 14.78 15.22 -5.88
C ARG A 299 14.42 15.76 -7.24
N LEU A 300 13.15 15.69 -7.58
CA LEU A 300 12.69 16.26 -8.84
C LEU A 300 12.50 17.80 -8.66
N PRO A 301 12.75 18.55 -9.76
CA PRO A 301 12.58 20.00 -9.70
C PRO A 301 11.12 20.44 -9.52
N ALA A 302 10.20 19.60 -9.97
CA ALA A 302 8.82 19.78 -9.70
C ALA A 302 8.19 18.35 -9.66
N PRO A 303 7.01 18.25 -9.04
CA PRO A 303 6.44 16.88 -8.95
C PRO A 303 6.15 16.37 -10.37
N GLN A 304 6.31 15.10 -10.60
CA GLN A 304 6.16 14.51 -11.93
C GLN A 304 4.88 13.68 -11.97
N ALA A 305 4.08 13.82 -13.00
CA ALA A 305 2.90 12.97 -13.20
C ALA A 305 3.27 11.55 -13.37
N LEU A 306 2.71 10.64 -12.59
CA LEU A 306 3.01 9.18 -12.62
C LEU A 306 1.91 8.57 -13.49
N GLU A 307 2.08 8.64 -14.79
CA GLU A 307 1.12 8.26 -15.78
C GLU A 307 1.81 7.81 -17.05
N GLY A 308 1.05 7.42 -18.03
CA GLY A 308 1.63 7.04 -19.34
C GLY A 308 2.39 5.73 -19.29
N GLN A 309 3.59 5.73 -19.76
CA GLN A 309 4.46 4.54 -19.93
C GLN A 309 5.23 4.27 -18.64
N ARG A 310 4.37 3.89 -17.65
CA ARG A 310 4.88 3.68 -16.30
C ARG A 310 4.10 2.53 -15.68
N LEU A 311 4.77 1.85 -14.74
CA LEU A 311 4.11 0.92 -13.86
CA LEU A 311 4.20 0.83 -13.87
C LEU A 311 4.13 1.46 -12.47
N LEU A 312 2.98 1.57 -11.84
CA LEU A 312 2.82 2.00 -10.44
C LEU A 312 2.56 0.72 -9.65
N ASN A 313 3.23 0.60 -8.49
CA ASN A 313 3.08 -0.62 -7.71
C ASN A 313 3.17 -0.34 -6.23
N LYS A 314 2.77 -1.35 -5.46
CA LYS A 314 3.06 -1.40 -4.02
C LYS A 314 3.01 -2.87 -3.57
N THR A 315 4.06 -3.22 -2.82
CA THR A 315 4.10 -4.43 -2.07
C THR A 315 3.57 -4.28 -0.66
N GLY A 316 3.12 -5.35 -0.05
CA GLY A 316 2.78 -5.34 1.37
C GLY A 316 2.75 -6.70 1.95
N SER A 317 3.10 -6.79 3.23
CA SER A 317 3.06 -8.09 3.88
CA SER A 317 3.21 -8.04 3.94
C SER A 317 2.74 -7.87 5.35
N THR A 318 2.30 -8.95 5.91
CA THR A 318 2.17 -9.10 7.38
C THR A 318 2.86 -10.38 7.68
N ASN A 319 2.80 -10.83 8.95
CA ASN A 319 3.51 -12.05 9.30
C ASN A 319 3.00 -13.23 8.51
N GLY A 320 1.70 -13.25 8.22
CA GLY A 320 1.04 -14.31 7.55
C GLY A 320 0.64 -14.17 6.08
N PHE A 321 0.89 -12.98 5.50
CA PHE A 321 0.31 -12.65 4.18
C PHE A 321 1.32 -11.87 3.33
N GLY A 322 1.10 -11.96 2.02
CA GLY A 322 1.96 -11.27 1.03
C GLY A 322 1.13 -10.85 -0.13
N ALA A 323 1.14 -9.53 -0.35
CA ALA A 323 0.34 -8.85 -1.37
C ALA A 323 1.20 -8.01 -2.34
N TYR A 324 0.65 -7.87 -3.54
CA TYR A 324 1.30 -7.00 -4.53
C TYR A 324 0.21 -6.46 -5.42
N VAL A 325 0.32 -5.19 -5.76
CA VAL A 325 -0.59 -4.49 -6.71
CA VAL A 325 -0.59 -4.59 -6.72
C VAL A 325 0.26 -3.72 -7.71
N ALA A 326 -0.13 -3.78 -8.95
CA ALA A 326 0.59 -2.98 -10.02
C ALA A 326 -0.43 -2.56 -11.08
N PHE A 327 -0.21 -1.41 -11.65
CA PHE A 327 -1.02 -1.01 -12.80
C PHE A 327 -0.24 -0.11 -13.72
N VAL A 328 -0.70 -0.06 -14.95
CA VAL A 328 -0.02 0.67 -16.04
C VAL A 328 -1.03 1.70 -16.59
N PRO A 329 -0.93 2.95 -16.12
CA PRO A 329 -1.95 3.93 -16.49
C PRO A 329 -2.15 4.04 -18.00
N GLY A 330 -1.10 4.07 -18.77
CA GLY A 330 -1.17 4.27 -20.21
C GLY A 330 -1.67 3.12 -20.98
N ARG A 331 -1.94 1.97 -20.36
CA ARG A 331 -2.43 0.76 -21.02
C ARG A 331 -3.73 0.28 -20.42
N ASP A 332 -4.28 0.98 -19.42
CA ASP A 332 -5.54 0.56 -18.85
C ASP A 332 -5.44 -0.89 -18.34
N LEU A 333 -4.35 -1.18 -17.65
CA LEU A 333 -4.09 -2.51 -17.16
C LEU A 333 -3.80 -2.48 -15.70
N GLY A 334 -4.42 -3.40 -14.96
CA GLY A 334 -4.22 -3.48 -13.52
C GLY A 334 -4.16 -4.91 -13.08
N LEU A 335 -3.47 -5.13 -11.94
CA LEU A 335 -3.36 -6.44 -11.40
C LEU A 335 -3.21 -6.41 -9.88
N VAL A 336 -3.81 -7.42 -9.27
CA VAL A 336 -3.74 -7.69 -7.83
C VAL A 336 -3.39 -9.12 -7.59
N ILE A 337 -2.44 -9.35 -6.69
CA ILE A 337 -2.04 -10.70 -6.32
C ILE A 337 -2.01 -10.77 -4.81
N LEU A 338 -2.90 -11.50 -4.17
CA LEU A 338 -3.03 -11.63 -2.71
C LEU A 338 -2.82 -13.06 -2.29
N ALA A 339 -1.95 -13.25 -1.32
CA ALA A 339 -1.63 -14.60 -0.85
C ALA A 339 -1.66 -14.60 0.70
N ASN A 340 -1.87 -15.82 1.21
CA ASN A 340 -1.88 -16.08 2.68
C ASN A 340 -0.60 -16.75 3.15
N ARG A 341 0.51 -16.43 2.55
CA ARG A 341 1.85 -16.61 3.14
C ARG A 341 2.66 -15.38 2.78
N ASN A 342 3.55 -14.91 3.66
CA ASN A 342 4.46 -13.86 3.36
C ASN A 342 5.60 -14.49 2.61
N TYR A 343 5.64 -14.42 1.32
CA TYR A 343 6.62 -15.00 0.43
C TYR A 343 7.37 -13.82 -0.20
N PRO A 344 8.60 -13.99 -0.70
CA PRO A 344 9.42 -12.84 -1.05
C PRO A 344 8.85 -11.92 -2.11
N ASN A 345 9.10 -10.64 -1.95
CA ASN A 345 8.64 -9.69 -2.92
C ASN A 345 9.12 -10.05 -4.31
N ALA A 346 10.33 -10.61 -4.46
CA ALA A 346 10.81 -10.92 -5.80
C ALA A 346 9.94 -11.89 -6.51
N GLU A 347 9.35 -12.84 -5.74
CA GLU A 347 8.47 -13.86 -6.29
C GLU A 347 7.12 -13.30 -6.69
N ARG A 348 6.62 -12.35 -5.90
CA ARG A 348 5.37 -11.64 -6.25
C ARG A 348 5.53 -10.91 -7.57
N VAL A 349 6.63 -10.18 -7.66
CA VAL A 349 6.96 -9.43 -8.86
C VAL A 349 7.16 -10.38 -10.04
N LYS A 350 7.76 -11.55 -9.85
CA LYS A 350 7.85 -12.56 -10.91
C LYS A 350 6.51 -12.95 -11.44
N ILE A 351 5.53 -13.22 -10.59
CA ILE A 351 4.22 -13.53 -11.10
C ILE A 351 3.66 -12.37 -11.90
N ALA A 352 3.71 -11.18 -11.32
CA ALA A 352 3.11 -10.03 -11.95
C ALA A 352 3.70 -9.74 -13.29
N TYR A 353 5.02 -9.83 -13.40
CA TYR A 353 5.75 -9.49 -14.64
C TYR A 353 5.34 -10.46 -15.71
N ALA A 354 5.25 -11.72 -15.42
CA ALA A 354 4.82 -12.71 -16.39
C ALA A 354 3.42 -12.40 -16.89
N ILE A 355 2.51 -12.02 -16.04
CA ILE A 355 1.15 -11.71 -16.45
C ILE A 355 1.16 -10.41 -17.27
N LEU A 356 1.75 -9.35 -16.78
CA LEU A 356 1.68 -8.07 -17.49
C LEU A 356 2.36 -8.20 -18.80
N SER A 357 3.46 -8.88 -18.93
CA SER A 357 4.15 -9.12 -20.21
C SER A 357 3.25 -9.82 -21.16
N GLY A 358 2.49 -10.80 -20.71
CA GLY A 358 1.58 -11.59 -21.60
C GLY A 358 0.27 -10.94 -21.94
N LEU A 359 -0.22 -10.00 -21.15
CA LEU A 359 -1.38 -9.23 -21.50
C LEU A 359 -0.94 -8.22 -22.62
OAC NXL B . 3.90 -4.36 4.35
CAN NXL B . 4.72 -3.27 4.67
N NXL B . 5.33 -3.37 5.83
CAJ NXL B . 6.46 -2.31 5.86
CA NXL B . 5.86 -4.73 6.00
C NXL B . 5.85 -4.84 7.50
O NXL B . 6.38 -5.85 8.04
NAA NXL B . 5.35 -3.86 8.25
CB NXL B . 7.24 -5.04 5.36
CAH NXL B . 8.31 -3.98 5.57
CAO NXL B . 7.78 -2.62 5.17
NAK NXL B . 7.55 -2.35 3.67
OAL NXL B . 8.07 -3.13 3.01
SAR NXL B . 7.27 -4.00 1.90
OAD NXL B . 8.69 -4.26 1.03
OAE NXL B . 7.03 -5.34 2.40
OAG NXL B . 5.89 -3.98 1.59
#